data_7TFM
#
_entry.id   7TFM
#
_cell.length_a   60.971
_cell.length_b   60.971
_cell.length_c   71.807
_cell.angle_alpha   90.000
_cell.angle_beta   90.000
_cell.angle_gamma   90.000
#
_symmetry.space_group_name_H-M   'P 41 21 2'
#
loop_
_entity.id
_entity.type
_entity.pdbx_description
1 polymer 'ATP-dependent Clp protease subunit, heat shock protein 100 (HSP100)'
2 non-polymer GLYCEROL
3 water water
#
_entity_poly.entity_id   1
_entity_poly.type   'polypeptide(L)'
_entity_poly.pdbx_seq_one_letter_code
;MTTQQPEWTQAASDLMARTAALARKKANGYLDPVHLAYVMFEDENSLASRVVRKLGAASVKDGLEARVDAIPTQMPAPTQ
PRPNSDMMRVMNTAEQERVALGDTLMAADHFLLALHESKEVGRILDAAGAGKKAIRTTLLEMRKGKKITSDFQDDNYE
;
_entity_poly.pdbx_strand_id   A
#
loop_
_chem_comp.id
_chem_comp.type
_chem_comp.name
_chem_comp.formula
GOL non-polymer GLYCEROL 'C3 H8 O3'
#
# COMPACT_ATOMS: atom_id res chain seq x y z
N THR A 3 13.92 -7.50 -17.02
CA THR A 3 13.14 -6.89 -15.94
C THR A 3 13.34 -5.38 -15.92
N GLN A 4 12.24 -4.64 -16.07
CA GLN A 4 12.31 -3.19 -16.11
C GLN A 4 12.75 -2.64 -14.75
N GLN A 5 13.63 -1.64 -14.79
CA GLN A 5 14.02 -0.90 -13.60
C GLN A 5 13.66 0.55 -13.84
N PRO A 6 12.39 0.90 -13.72
CA PRO A 6 11.96 2.28 -13.97
C PRO A 6 12.42 3.22 -12.87
N GLU A 7 12.49 4.48 -13.23
CA GLU A 7 12.65 5.53 -12.23
C GLU A 7 11.37 5.61 -11.40
N TRP A 8 11.53 5.94 -10.12
CA TRP A 8 10.41 6.12 -9.22
C TRP A 8 10.22 7.60 -8.94
N THR A 9 8.97 8.02 -8.78
CA THR A 9 8.72 9.35 -8.26
C THR A 9 9.28 9.46 -6.84
N GLN A 10 9.63 10.68 -6.45
CA GLN A 10 10.10 10.88 -5.08
C GLN A 10 9.04 10.44 -4.08
N ALA A 11 7.76 10.66 -4.39
CA ALA A 11 6.71 10.26 -3.48
C ALA A 11 6.66 8.75 -3.31
N ALA A 12 6.80 8.00 -4.41
CA ALA A 12 6.81 6.54 -4.32
C ALA A 12 7.99 6.05 -3.49
N SER A 13 9.18 6.61 -3.73
CA SER A 13 10.33 6.24 -2.92
C SER A 13 10.10 6.55 -1.45
N ASP A 14 9.46 7.68 -1.14
CA ASP A 14 9.22 8.02 0.25
C ASP A 14 8.18 7.11 0.89
N LEU A 15 7.15 6.70 0.15
CA LEU A 15 6.23 5.72 0.71
C LEU A 15 6.95 4.46 1.12
N MET A 16 7.92 4.03 0.32
CA MET A 16 8.66 2.82 0.69
C MET A 16 9.61 3.06 1.85
N ALA A 17 10.22 4.25 1.93
CA ALA A 17 11.04 4.57 3.09
C ALA A 17 10.21 4.58 4.36
N ARG A 18 9.01 5.14 4.31
CA ARG A 18 8.13 5.16 5.47
C ARG A 18 7.68 3.75 5.83
N THR A 19 7.46 2.90 4.83
CA THR A 19 7.12 1.51 5.07
C THR A 19 8.24 0.78 5.81
N ALA A 20 9.48 0.98 5.36
CA ALA A 20 10.62 0.36 6.01
C ALA A 20 10.80 0.90 7.44
N ALA A 21 10.56 2.18 7.64
CA ALA A 21 10.69 2.74 8.98
C ALA A 21 9.62 2.19 9.92
N LEU A 22 8.41 1.98 9.40
CA LEU A 22 7.34 1.41 10.20
C LEU A 22 7.67 -0.02 10.63
N ALA A 23 8.09 -0.85 9.68
CA ALA A 23 8.41 -2.24 10.01
C ALA A 23 9.53 -2.31 11.03
N ARG A 24 10.53 -1.42 10.92
CA ARG A 24 11.63 -1.42 11.86
C ARG A 24 11.17 -0.97 13.25
N LYS A 25 10.35 0.08 13.32
CA LYS A 25 9.87 0.58 14.60
C LYS A 25 9.05 -0.47 15.35
N LYS A 26 8.33 -1.31 14.62
CA LYS A 26 7.54 -2.41 15.18
C LYS A 26 8.38 -3.66 15.46
N ALA A 27 9.67 -3.65 15.08
CA ALA A 27 10.54 -4.80 15.26
C ALA A 27 10.00 -6.03 14.52
N ASN A 28 9.52 -5.81 13.30
CA ASN A 28 8.97 -6.90 12.50
C ASN A 28 10.06 -7.52 11.63
N GLY A 29 9.83 -8.78 11.23
CA GLY A 29 10.84 -9.52 10.49
C GLY A 29 10.94 -9.22 9.01
N TYR A 30 9.89 -8.63 8.42
CA TYR A 30 9.84 -8.38 6.99
C TYR A 30 9.04 -7.11 6.75
N LEU A 31 9.20 -6.55 5.55
CA LEU A 31 8.26 -5.56 5.03
C LEU A 31 7.07 -6.29 4.43
N ASP A 32 5.87 -5.95 4.89
CA ASP A 32 4.65 -6.60 4.48
C ASP A 32 3.75 -5.59 3.77
N PRO A 33 2.89 -6.05 2.85
CA PRO A 33 1.92 -5.11 2.26
C PRO A 33 1.11 -4.34 3.28
N VAL A 34 0.87 -4.93 4.45
N VAL A 34 0.83 -4.91 4.45
CA VAL A 34 0.10 -4.28 5.51
CA VAL A 34 0.03 -4.13 5.40
C VAL A 34 0.81 -3.01 5.97
C VAL A 34 0.81 -2.94 5.96
N HIS A 35 2.15 -3.03 6.03
CA HIS A 35 2.92 -1.84 6.38
C HIS A 35 2.72 -0.74 5.34
N LEU A 36 2.86 -1.10 4.05
CA LEU A 36 2.70 -0.11 2.99
C LEU A 36 1.29 0.45 2.99
N ALA A 37 0.28 -0.39 3.19
CA ALA A 37 -1.10 0.09 3.20
C ALA A 37 -1.32 1.07 4.35
N TYR A 38 -0.83 0.73 5.55
CA TYR A 38 -1.00 1.67 6.65
C TYR A 38 -0.33 3.01 6.31
N VAL A 39 0.91 2.96 5.82
CA VAL A 39 1.60 4.19 5.43
C VAL A 39 0.77 4.99 4.43
N MET A 40 0.21 4.31 3.42
CA MET A 40 -0.54 5.03 2.39
C MET A 40 -1.81 5.67 2.94
N PHE A 41 -2.36 5.13 4.02
CA PHE A 41 -3.57 5.66 4.66
C PHE A 41 -3.27 6.46 5.93
N GLU A 42 -2.00 6.73 6.22
CA GLU A 42 -1.66 7.39 7.47
C GLU A 42 -2.09 8.85 7.48
N ASP A 43 -1.85 9.57 6.39
CA ASP A 43 -2.18 10.99 6.32
C ASP A 43 -3.57 11.16 5.77
N GLU A 44 -4.36 12.04 6.41
CA GLU A 44 -5.76 12.20 6.07
C GLU A 44 -5.98 12.71 4.66
N ASN A 45 -4.99 13.38 4.06
CA ASN A 45 -5.12 13.91 2.70
C ASN A 45 -4.25 13.15 1.70
N SER A 46 -3.79 11.96 2.05
CA SER A 46 -3.01 11.16 1.11
C SER A 46 -3.87 10.73 -0.09
N LEU A 47 -3.20 10.28 -1.14
CA LEU A 47 -3.92 9.78 -2.32
C LEU A 47 -4.92 8.68 -1.93
N ALA A 48 -4.45 7.68 -1.18
CA ALA A 48 -5.33 6.58 -0.78
C ALA A 48 -6.49 7.07 0.08
N SER A 49 -6.21 7.98 1.03
CA SER A 49 -7.28 8.54 1.85
C SER A 49 -8.30 9.29 1.00
N ARG A 50 -7.84 10.01 -0.03
CA ARG A 50 -8.76 10.75 -0.87
C ARG A 50 -9.58 9.83 -1.77
N VAL A 51 -9.03 8.68 -2.17
CA VAL A 51 -9.83 7.69 -2.90
C VAL A 51 -10.95 7.17 -2.02
N VAL A 52 -10.63 6.79 -0.78
CA VAL A 52 -11.65 6.35 0.18
C VAL A 52 -12.70 7.43 0.39
N ARG A 53 -12.27 8.68 0.53
CA ARG A 53 -13.22 9.79 0.69
C ARG A 53 -14.17 9.87 -0.49
N LYS A 54 -13.64 9.85 -1.71
CA LYS A 54 -14.47 9.99 -2.90
C LYS A 54 -15.46 8.84 -3.03
N LEU A 55 -15.06 7.62 -2.64
CA LEU A 55 -15.93 6.45 -2.70
C LEU A 55 -16.98 6.42 -1.60
N GLY A 56 -16.87 7.27 -0.58
CA GLY A 56 -17.71 7.08 0.58
C GLY A 56 -17.40 5.80 1.33
N ALA A 57 -16.17 5.32 1.23
CA ALA A 57 -15.77 4.11 1.93
C ALA A 57 -15.56 4.40 3.41
N ALA A 58 -15.70 3.36 4.23
CA ALA A 58 -15.39 3.51 5.65
C ALA A 58 -13.89 3.74 5.83
N SER A 59 -13.53 4.37 6.95
N SER A 59 -13.54 4.41 6.93
CA SER A 59 -12.13 4.62 7.24
CA SER A 59 -12.15 4.59 7.27
C SER A 59 -11.42 3.33 7.62
C SER A 59 -11.48 3.24 7.49
N VAL A 60 -10.24 3.13 7.02
CA VAL A 60 -9.47 1.90 7.17
C VAL A 60 -8.18 2.08 7.96
N LYS A 61 -7.86 3.31 8.37
N LYS A 61 -7.82 3.31 8.32
CA LYS A 61 -6.60 3.57 9.06
CA LYS A 61 -6.50 3.53 8.92
C LYS A 61 -6.46 2.72 10.32
C LYS A 61 -6.34 2.81 10.24
N ASP A 62 -7.42 2.85 11.24
N ASP A 62 -7.39 2.79 11.07
CA ASP A 62 -7.31 2.11 12.51
CA ASP A 62 -7.28 2.16 12.38
C ASP A 62 -7.22 0.62 12.29
C ASP A 62 -7.24 0.64 12.28
N GLY A 63 -8.02 0.07 11.36
CA GLY A 63 -7.99 -1.37 11.15
C GLY A 63 -6.67 -1.83 10.57
N LEU A 64 -6.09 -1.04 9.66
CA LEU A 64 -4.76 -1.36 9.14
C LEU A 64 -3.71 -1.25 10.24
N GLU A 65 -3.85 -0.29 11.15
CA GLU A 65 -2.88 -0.20 12.25
C GLU A 65 -2.98 -1.43 13.13
N ALA A 66 -4.20 -1.87 13.44
CA ALA A 66 -4.37 -3.10 14.20
C ALA A 66 -3.70 -4.27 13.47
N ARG A 67 -3.87 -4.35 12.15
CA ARG A 67 -3.25 -5.45 11.42
C ARG A 67 -1.74 -5.37 11.44
N VAL A 68 -1.18 -4.16 11.39
CA VAL A 68 0.26 -4.01 11.59
C VAL A 68 0.66 -4.52 12.97
N ASP A 69 -0.11 -4.15 14.00
CA ASP A 69 0.22 -4.55 15.37
C ASP A 69 -0.03 -6.04 15.63
N ALA A 70 -0.65 -6.74 14.68
CA ALA A 70 -0.76 -8.19 14.75
C ALA A 70 0.48 -8.90 14.19
N ILE A 71 1.38 -8.18 13.52
CA ILE A 71 2.62 -8.82 13.06
C ILE A 71 3.52 -9.07 14.26
N PRO A 72 4.07 -10.27 14.44
CA PRO A 72 4.84 -10.55 15.67
C PRO A 72 6.00 -9.58 15.89
N THR A 73 6.20 -9.23 17.16
CA THR A 73 7.38 -8.46 17.57
C THR A 73 8.55 -9.43 17.69
N GLN A 74 9.58 -9.27 16.86
CA GLN A 74 10.70 -10.19 16.86
C GLN A 74 11.79 -9.71 17.81
N MET A 75 12.37 -10.65 18.55
CA MET A 75 13.37 -10.36 19.58
C MET A 75 14.52 -11.35 19.39
N PRO A 76 15.61 -10.97 18.71
CA PRO A 76 15.87 -9.66 18.11
C PRO A 76 15.33 -9.56 16.69
N ALA A 77 15.00 -8.36 16.29
CA ALA A 77 14.48 -8.07 14.95
C ALA A 77 15.61 -7.72 13.99
N PRO A 78 15.42 -7.89 12.68
CA PRO A 78 16.45 -7.52 11.73
C PRO A 78 16.61 -6.01 11.63
N THR A 79 17.85 -5.58 11.39
CA THR A 79 18.10 -4.15 11.25
C THR A 79 17.59 -3.61 9.93
N GLN A 80 17.49 -4.45 8.90
CA GLN A 80 17.02 -4.03 7.59
C GLN A 80 16.00 -5.06 7.10
N PRO A 81 14.77 -5.00 7.61
CA PRO A 81 13.75 -5.95 7.13
C PRO A 81 13.53 -5.77 5.63
N ARG A 82 13.32 -6.89 4.94
CA ARG A 82 13.19 -6.93 3.49
C ARG A 82 11.77 -7.34 3.10
N PRO A 83 11.37 -7.07 1.87
CA PRO A 83 10.06 -7.52 1.40
C PRO A 83 9.88 -9.03 1.57
N ASN A 84 8.74 -9.43 2.12
CA ASN A 84 8.36 -10.84 2.09
C ASN A 84 7.74 -11.17 0.73
N SER A 85 7.33 -12.42 0.55
CA SER A 85 6.80 -12.82 -0.75
C SER A 85 5.52 -12.09 -1.10
N ASP A 86 4.67 -11.80 -0.11
CA ASP A 86 3.47 -11.00 -0.38
C ASP A 86 3.83 -9.60 -0.87
N MET A 87 4.85 -8.99 -0.25
CA MET A 87 5.27 -7.67 -0.69
C MET A 87 5.83 -7.70 -2.11
N MET A 88 6.61 -8.75 -2.43
N MET A 88 6.57 -8.76 -2.45
CA MET A 88 7.11 -8.90 -3.78
CA MET A 88 7.11 -8.83 -3.80
C MET A 88 5.97 -8.96 -4.79
C MET A 88 6.02 -9.06 -4.84
N ARG A 89 4.90 -9.69 -4.47
CA ARG A 89 3.77 -9.78 -5.37
C ARG A 89 3.12 -8.42 -5.57
N VAL A 90 2.95 -7.66 -4.49
CA VAL A 90 2.41 -6.31 -4.61
C VAL A 90 3.29 -5.46 -5.51
N MET A 91 4.61 -5.52 -5.31
CA MET A 91 5.52 -4.71 -6.12
C MET A 91 5.50 -5.14 -7.59
N ASN A 92 5.40 -6.46 -7.85
CA ASN A 92 5.31 -6.92 -9.23
C ASN A 92 4.02 -6.44 -9.89
N THR A 93 2.92 -6.46 -9.15
CA THR A 93 1.66 -5.96 -9.71
C THR A 93 1.72 -4.45 -9.94
N ALA A 94 2.37 -3.71 -9.03
CA ALA A 94 2.52 -2.27 -9.24
C ALA A 94 3.24 -2.00 -10.56
N GLU A 95 4.28 -2.78 -10.85
CA GLU A 95 4.99 -2.61 -12.12
C GLU A 95 4.09 -2.93 -13.31
N GLN A 96 3.29 -3.99 -13.22
CA GLN A 96 2.33 -4.28 -14.27
C GLN A 96 1.37 -3.11 -14.48
N GLU A 97 0.89 -2.50 -13.40
CA GLU A 97 -0.05 -1.39 -13.52
C GLU A 97 0.63 -0.17 -14.14
N ARG A 98 1.88 0.10 -13.77
CA ARG A 98 2.63 1.19 -14.37
C ARG A 98 2.70 1.01 -15.88
N VAL A 99 3.07 -0.19 -16.33
CA VAL A 99 3.21 -0.44 -17.76
C VAL A 99 1.86 -0.35 -18.46
N ALA A 100 0.80 -0.88 -17.84
CA ALA A 100 -0.51 -0.87 -18.47
C ALA A 100 -1.04 0.54 -18.66
N LEU A 101 -0.72 1.44 -17.74
CA LEU A 101 -1.14 2.84 -17.86
C LEU A 101 -0.23 3.64 -18.77
N GLY A 102 0.89 3.06 -19.23
CA GLY A 102 1.84 3.80 -20.03
C GLY A 102 2.62 4.85 -19.27
N ASP A 103 2.72 4.72 -17.95
CA ASP A 103 3.43 5.69 -17.14
C ASP A 103 4.93 5.41 -17.14
N THR A 104 5.72 6.49 -17.24
CA THR A 104 7.18 6.36 -17.29
C THR A 104 7.77 6.05 -15.91
N LEU A 105 7.23 6.68 -14.87
CA LEU A 105 7.75 6.55 -13.51
C LEU A 105 6.82 5.71 -12.66
N MET A 106 7.39 4.90 -11.77
CA MET A 106 6.61 4.23 -10.74
C MET A 106 6.09 5.28 -9.76
N ALA A 107 4.80 5.19 -9.43
CA ALA A 107 4.12 6.25 -8.68
C ALA A 107 3.21 5.64 -7.62
N ALA A 108 2.74 6.50 -6.72
CA ALA A 108 1.85 6.05 -5.64
C ALA A 108 0.60 5.39 -6.19
N ASP A 109 0.06 5.89 -7.31
N ASP A 109 0.08 5.86 -7.32
CA ASP A 109 -1.11 5.30 -7.93
CA ASP A 109 -1.15 5.27 -7.85
C ASP A 109 -0.92 3.81 -8.16
C ASP A 109 -0.96 3.81 -8.25
N HIS A 110 0.26 3.44 -8.64
CA HIS A 110 0.52 2.05 -8.99
C HIS A 110 0.55 1.17 -7.74
N PHE A 111 1.11 1.67 -6.64
CA PHE A 111 1.06 0.93 -5.38
C PHE A 111 -0.39 0.73 -4.94
N LEU A 112 -1.21 1.79 -5.03
CA LEU A 112 -2.60 1.69 -4.60
C LEU A 112 -3.36 0.66 -5.43
N LEU A 113 -3.13 0.63 -6.75
CA LEU A 113 -3.72 -0.34 -7.65
C LEU A 113 -3.25 -1.76 -7.38
N ALA A 114 -2.18 -1.94 -6.60
CA ALA A 114 -1.59 -3.24 -6.32
C ALA A 114 -1.91 -3.78 -4.93
N LEU A 115 -2.52 -2.98 -4.06
CA LEU A 115 -2.69 -3.39 -2.67
C LEU A 115 -3.58 -4.60 -2.52
N HIS A 116 -4.53 -4.78 -3.43
CA HIS A 116 -5.42 -5.93 -3.35
C HIS A 116 -4.75 -7.25 -3.70
N GLU A 117 -3.47 -7.24 -4.09
CA GLU A 117 -2.75 -8.51 -4.20
C GLU A 117 -2.52 -9.14 -2.83
N SER A 118 -2.58 -8.36 -1.76
CA SER A 118 -2.53 -8.86 -0.40
C SER A 118 -3.95 -9.13 0.08
N LYS A 119 -4.22 -10.36 0.49
N LYS A 119 -4.22 -10.38 0.45
CA LYS A 119 -5.55 -10.67 1.02
CA LYS A 119 -5.51 -10.71 1.04
C LYS A 119 -5.76 -10.05 2.40
C LYS A 119 -5.74 -9.93 2.33
N GLU A 120 -4.69 -9.79 3.15
CA GLU A 120 -4.86 -9.15 4.45
C GLU A 120 -5.19 -7.66 4.33
N VAL A 121 -4.58 -6.96 3.36
CA VAL A 121 -5.00 -5.60 3.07
C VAL A 121 -6.35 -5.58 2.37
N GLY A 122 -6.48 -6.44 1.35
CA GLY A 122 -7.67 -6.40 0.50
C GLY A 122 -8.95 -6.65 1.26
N ARG A 123 -8.92 -7.54 2.25
CA ARG A 123 -10.16 -7.85 2.97
C ARG A 123 -10.65 -6.65 3.76
N ILE A 124 -9.73 -5.82 4.25
CA ILE A 124 -10.11 -4.60 4.96
C ILE A 124 -10.66 -3.58 3.99
N LEU A 125 -9.98 -3.37 2.85
CA LEU A 125 -10.45 -2.41 1.86
C LEU A 125 -11.80 -2.84 1.28
N ASP A 126 -11.97 -4.15 1.01
CA ASP A 126 -13.22 -4.66 0.47
C ASP A 126 -14.39 -4.36 1.40
N ALA A 127 -14.22 -4.67 2.69
CA ALA A 127 -15.30 -4.45 3.65
C ALA A 127 -15.67 -2.99 3.76
N ALA A 128 -14.70 -2.09 3.58
CA ALA A 128 -14.93 -0.67 3.69
C ALA A 128 -15.65 -0.08 2.50
N GLY A 129 -15.79 -0.80 1.40
CA GLY A 129 -16.34 -0.22 0.19
C GLY A 129 -15.32 0.28 -0.79
N ALA A 130 -14.11 -0.24 -0.76
CA ALA A 130 -13.02 0.18 -1.64
C ALA A 130 -12.34 -1.06 -2.23
N GLY A 131 -13.12 -1.87 -2.94
CA GLY A 131 -12.56 -3.00 -3.65
C GLY A 131 -11.66 -2.56 -4.79
N LYS A 132 -11.01 -3.55 -5.40
CA LYS A 132 -10.04 -3.29 -6.45
C LYS A 132 -10.64 -2.52 -7.62
N LYS A 133 -11.78 -2.97 -8.14
CA LYS A 133 -12.40 -2.29 -9.27
C LYS A 133 -12.83 -0.88 -8.91
N ALA A 134 -13.37 -0.70 -7.70
CA ALA A 134 -13.83 0.61 -7.29
C ALA A 134 -12.66 1.59 -7.16
N ILE A 135 -11.55 1.13 -6.60
CA ILE A 135 -10.35 1.97 -6.49
C ILE A 135 -9.89 2.39 -7.88
N ARG A 136 -9.83 1.46 -8.82
CA ARG A 136 -9.38 1.79 -10.16
C ARG A 136 -10.26 2.86 -10.80
N THR A 137 -11.58 2.69 -10.69
CA THR A 137 -12.50 3.65 -11.29
C THR A 137 -12.37 5.03 -10.64
N THR A 138 -12.12 5.06 -9.33
CA THR A 138 -12.00 6.34 -8.64
C THR A 138 -10.72 7.04 -9.01
N LEU A 139 -9.60 6.30 -9.07
N LEU A 139 -9.61 6.29 -9.08
CA LEU A 139 -8.34 6.88 -9.51
CA LEU A 139 -8.34 6.86 -9.50
C LEU A 139 -8.46 7.46 -10.91
C LEU A 139 -8.40 7.40 -10.93
N LEU A 140 -9.18 6.77 -11.80
CA LEU A 140 -9.35 7.28 -13.15
C LEU A 140 -10.04 8.64 -13.14
N GLU A 141 -11.08 8.80 -12.31
CA GLU A 141 -11.73 10.10 -12.21
C GLU A 141 -10.78 11.15 -11.64
N MET A 142 -10.00 10.78 -10.63
CA MET A 142 -9.10 11.73 -9.99
C MET A 142 -7.96 12.16 -10.89
N ARG A 143 -7.58 11.34 -11.87
CA ARG A 143 -6.49 11.68 -12.78
C ARG A 143 -6.90 12.68 -13.85
N LYS A 144 -8.18 12.94 -14.03
CA LYS A 144 -8.65 13.90 -15.02
C LYS A 144 -8.14 15.31 -14.75
C1 GOL B . 14.96 0.05 8.25
O1 GOL B . 13.81 -0.73 7.97
C2 GOL B . 14.85 1.42 7.47
O2 GOL B . 13.80 2.18 7.96
C3 GOL B . 16.21 2.17 7.70
O3 GOL B . 17.22 1.59 6.90
#